data_1PCA
#
_entry.id   1PCA
#
_cell.length_a   127.060
_cell.length_b   76.920
_cell.length_c   47.520
_cell.angle_alpha   90.00
_cell.angle_beta   90.00
_cell.angle_gamma   90.00
#
_symmetry.space_group_name_H-M   'P 21 21 21'
#
loop_
_entity.id
_entity.type
_entity.pdbx_description
1 polymer 'PROCARBOXYPEPTIDASE A PCPA'
2 non-polymer 'ZINC ION'
3 non-polymer 'CITRIC ACID'
4 non-polymer VALINE
5 water water
#
_entity_poly.entity_id   1
_entity_poly.type   'polypeptide(L)'
_entity_poly.pdbx_seq_one_letter_code
;KKEDFVGHQVLRISVDDEAQVQKVKELEDLEHLQLDFWRGPARPGFPIDVRVPFPSIQAVKVFLEAHGIRYTIMIEDVQL
LLDEEQEQMFASQGRARTTSTFNYATYHTLEEIYDFMDILVAEHPALVSKLQIGRSYEGRPIYVLKFSTGGSNRPAIWID
SGIHSREWITQASGVWFAKKITENYGQNSSFTAILDSMDIFLEIVTNPNGFAFTHSDNRLWRKTRSKASGSLCVGSDSNR
NWDAGFGGAGASSSPCAETYHGKYPNSEVEVKSITDFVKNNGNIKAFISIHSYSQLLLYPYGYKTQSPADKSELNQIAKS
AVAALKSLYGTSYKYGSIITVIYQASGGVIDWTYNQGIKYSFSFELRDTGRRGFLLPASQIIPTAQETWLALLTIMEHTL
NNS
;
_entity_poly.pdbx_strand_id   A
#
loop_
_chem_comp.id
_chem_comp.type
_chem_comp.name
_chem_comp.formula
CIT non-polymer 'CITRIC ACID' 'C6 H8 O7'
ZN non-polymer 'ZINC ION' 'Zn 2'
#
# COMPACT_ATOMS: atom_id res chain seq x y z
N LYS A 2 -19.66 13.20 -4.30
CA LYS A 2 -19.49 11.75 -4.26
C LYS A 2 -19.70 11.13 -5.64
N GLU A 3 -18.91 10.10 -5.88
CA GLU A 3 -19.20 9.11 -6.90
C GLU A 3 -19.86 7.88 -6.23
N ASP A 4 -20.78 7.26 -6.93
CA ASP A 4 -21.49 6.04 -6.52
C ASP A 4 -20.94 4.89 -7.37
N PHE A 5 -21.07 3.67 -6.87
CA PHE A 5 -20.61 2.50 -7.60
C PHE A 5 -21.74 1.50 -7.73
N VAL A 6 -22.92 2.07 -7.95
CA VAL A 6 -24.15 1.28 -8.04
C VAL A 6 -24.16 0.33 -9.24
N GLY A 7 -24.18 -0.96 -8.93
CA GLY A 7 -24.23 -1.98 -9.98
C GLY A 7 -22.91 -2.11 -10.74
N HIS A 8 -21.87 -1.48 -10.20
CA HIS A 8 -20.53 -1.79 -10.74
C HIS A 8 -20.12 -3.19 -10.25
N GLN A 9 -19.56 -3.95 -11.13
CA GLN A 9 -19.17 -5.29 -10.71
C GLN A 9 -17.63 -5.45 -10.68
N VAL A 10 -17.15 -6.33 -9.84
CA VAL A 10 -15.76 -6.70 -10.05
C VAL A 10 -15.56 -8.14 -10.49
N LEU A 11 -14.99 -8.23 -11.69
CA LEU A 11 -14.78 -9.50 -12.45
C LEU A 11 -13.40 -10.08 -12.14
N ARG A 12 -13.34 -11.37 -11.96
CA ARG A 12 -12.06 -12.05 -11.94
C ARG A 12 -11.85 -12.81 -13.21
N ILE A 13 -10.88 -12.34 -13.97
CA ILE A 13 -10.61 -12.93 -15.26
C ILE A 13 -9.45 -13.92 -15.15
N SER A 14 -9.73 -15.07 -15.69
CA SER A 14 -8.74 -16.15 -15.85
C SER A 14 -8.19 -16.10 -17.29
N VAL A 15 -6.87 -16.35 -17.36
CA VAL A 15 -6.15 -16.49 -18.64
C VAL A 15 -5.31 -17.78 -18.65
N ASP A 16 -5.51 -18.59 -19.68
CA ASP A 16 -4.86 -19.92 -19.73
C ASP A 16 -3.57 -19.86 -20.53
N ASP A 17 -3.44 -18.91 -21.38
CA ASP A 17 -2.21 -18.81 -22.18
C ASP A 17 -1.94 -17.35 -22.53
N GLU A 18 -0.87 -17.18 -23.29
CA GLU A 18 -0.36 -15.81 -23.51
C GLU A 18 -1.30 -15.02 -24.40
N ALA A 19 -2.01 -15.74 -25.30
CA ALA A 19 -2.89 -15.01 -26.26
C ALA A 19 -4.06 -14.41 -25.52
N GLN A 20 -4.47 -15.11 -24.47
CA GLN A 20 -5.55 -14.58 -23.66
C GLN A 20 -5.08 -13.36 -22.86
N VAL A 21 -3.84 -13.45 -22.36
CA VAL A 21 -3.25 -12.34 -21.60
C VAL A 21 -3.14 -11.09 -22.47
N GLN A 22 -2.90 -11.35 -23.70
CA GLN A 22 -2.84 -10.23 -24.66
C GLN A 22 -4.17 -9.65 -25.06
N LYS A 23 -5.19 -10.52 -24.98
CA LYS A 23 -6.50 -9.92 -25.28
C LYS A 23 -6.95 -9.02 -24.12
N VAL A 24 -6.71 -9.47 -22.91
CA VAL A 24 -7.16 -8.63 -21.74
C VAL A 24 -6.41 -7.30 -21.69
N LYS A 25 -5.17 -7.33 -22.10
CA LYS A 25 -4.56 -6.00 -22.19
C LYS A 25 -4.93 -5.22 -23.46
N GLU A 26 -5.69 -5.84 -24.34
CA GLU A 26 -6.30 -4.94 -25.34
C GLU A 26 -7.49 -4.20 -24.74
N LEU A 27 -8.31 -4.90 -24.01
CA LEU A 27 -9.53 -4.36 -23.36
C LEU A 27 -9.05 -3.22 -22.46
N GLU A 28 -7.87 -3.40 -21.88
CA GLU A 28 -7.41 -2.38 -20.94
C GLU A 28 -7.23 -1.05 -21.69
N ASP A 29 -7.06 -1.13 -23.04
CA ASP A 29 -6.74 0.05 -23.91
C ASP A 29 -8.06 0.74 -24.35
N LEU A 30 -9.19 0.24 -23.90
CA LEU A 30 -10.50 0.82 -24.31
C LEU A 30 -11.01 1.78 -23.26
N GLU A 31 -10.39 2.91 -23.37
CA GLU A 31 -10.36 3.97 -22.36
C GLU A 31 -11.75 4.38 -21.89
N HIS A 32 -12.60 4.40 -22.91
CA HIS A 32 -13.98 4.86 -22.72
C HIS A 32 -14.78 3.74 -22.05
N LEU A 33 -14.09 2.63 -21.67
CA LEU A 33 -14.84 1.65 -20.85
C LEU A 33 -14.78 2.10 -19.39
N GLN A 34 -13.80 2.92 -19.11
CA GLN A 34 -13.40 3.40 -17.76
C GLN A 34 -13.22 2.24 -16.75
N LEU A 35 -12.47 1.24 -17.20
CA LEU A 35 -12.19 0.01 -16.43
C LEU A 35 -11.11 0.29 -15.40
N ASP A 36 -11.30 -0.19 -14.20
CA ASP A 36 -10.40 0.06 -13.06
C ASP A 36 -9.73 -1.20 -12.61
N PHE A 37 -8.52 -1.38 -13.11
CA PHE A 37 -7.91 -2.69 -12.87
C PHE A 37 -7.30 -2.75 -11.47
N TRP A 38 -7.97 -3.55 -10.66
CA TRP A 38 -7.54 -3.84 -9.26
C TRP A 38 -6.23 -4.65 -9.31
N ARG A 39 -6.19 -5.63 -10.17
CA ARG A 39 -4.98 -6.43 -10.37
C ARG A 39 -4.83 -6.79 -11.83
N GLY A 40 -3.93 -6.08 -12.51
CA GLY A 40 -3.84 -6.16 -13.99
C GLY A 40 -3.25 -7.44 -14.58
N PRO A 41 -3.33 -7.54 -15.88
CA PRO A 41 -2.78 -8.64 -16.66
C PRO A 41 -1.29 -8.83 -16.49
N ALA A 42 -0.89 -10.04 -16.22
CA ALA A 42 0.56 -10.37 -16.10
C ALA A 42 0.93 -11.66 -16.88
N ARG A 43 0.42 -12.77 -16.39
CA ARG A 43 0.74 -14.15 -16.91
C ARG A 43 -0.46 -15.10 -16.83
N PRO A 44 -0.37 -16.17 -17.57
CA PRO A 44 -1.38 -17.20 -17.45
C PRO A 44 -1.42 -17.67 -16.02
N GLY A 45 -2.60 -17.88 -15.50
CA GLY A 45 -2.71 -18.60 -14.19
C GLY A 45 -2.59 -17.58 -13.06
N PHE A 46 -2.24 -16.38 -13.41
CA PHE A 46 -2.30 -15.19 -12.48
C PHE A 46 -3.63 -14.42 -12.65
N PRO A 47 -4.34 -14.21 -11.53
CA PRO A 47 -5.71 -13.71 -11.55
C PRO A 47 -5.77 -12.24 -11.84
N ILE A 48 -6.66 -11.87 -12.76
CA ILE A 48 -6.79 -10.46 -13.15
C ILE A 48 -8.12 -9.96 -12.61
N ASP A 49 -8.01 -9.03 -11.67
CA ASP A 49 -9.23 -8.44 -11.10
C ASP A 49 -9.55 -7.08 -11.71
N VAL A 50 -10.80 -6.89 -12.09
CA VAL A 50 -11.10 -5.54 -12.63
C VAL A 50 -12.48 -5.07 -12.24
N ARG A 51 -12.58 -3.82 -11.88
CA ARG A 51 -13.88 -3.26 -11.54
C ARG A 51 -14.43 -2.61 -12.80
N VAL A 52 -15.59 -3.06 -13.24
CA VAL A 52 -16.17 -2.43 -14.44
C VAL A 52 -17.45 -1.66 -14.09
N PRO A 53 -17.52 -0.42 -14.56
CA PRO A 53 -18.68 0.39 -14.28
C PRO A 53 -19.93 -0.14 -14.97
N PHE A 54 -21.06 0.03 -14.31
CA PHE A 54 -22.40 -0.41 -14.75
C PHE A 54 -22.63 -0.35 -16.26
N PRO A 55 -22.39 0.79 -16.91
CA PRO A 55 -22.67 0.86 -18.35
C PRO A 55 -21.81 -0.12 -19.14
N SER A 56 -20.60 -0.41 -18.66
CA SER A 56 -19.56 -1.07 -19.50
C SER A 56 -19.68 -2.58 -19.44
N ILE A 57 -20.51 -3.07 -18.51
CA ILE A 57 -20.52 -4.48 -18.16
C ILE A 57 -20.83 -5.37 -19.35
N GLN A 58 -21.73 -4.95 -20.23
CA GLN A 58 -22.05 -5.85 -21.42
C GLN A 58 -20.90 -5.84 -22.40
N ALA A 59 -20.27 -4.69 -22.52
CA ALA A 59 -19.23 -4.56 -23.45
C ALA A 59 -18.08 -5.45 -23.06
N VAL A 60 -17.86 -5.47 -21.77
CA VAL A 60 -16.74 -6.33 -21.27
C VAL A 60 -17.07 -7.81 -21.36
N LYS A 61 -18.27 -8.17 -20.99
CA LYS A 61 -18.65 -9.57 -20.99
C LYS A 61 -18.69 -10.18 -22.39
N VAL A 62 -19.05 -9.33 -23.33
CA VAL A 62 -19.21 -9.82 -24.72
C VAL A 62 -17.84 -10.01 -25.33
N PHE A 63 -17.00 -9.05 -25.09
CA PHE A 63 -15.60 -9.13 -25.56
C PHE A 63 -14.97 -10.40 -24.99
N LEU A 64 -15.27 -10.68 -23.73
CA LEU A 64 -14.59 -11.83 -23.06
C LEU A 64 -15.12 -13.12 -23.66
N GLU A 65 -16.44 -13.21 -23.79
CA GLU A 65 -16.93 -14.48 -24.33
C GLU A 65 -16.53 -14.68 -25.78
N ALA A 66 -16.47 -13.60 -26.55
CA ALA A 66 -16.09 -13.68 -27.98
C ALA A 66 -14.68 -14.26 -28.15
N HIS A 67 -13.94 -14.18 -27.12
CA HIS A 67 -12.59 -14.71 -27.22
C HIS A 67 -12.42 -15.97 -26.35
N GLY A 68 -13.47 -16.40 -25.72
CA GLY A 68 -13.44 -17.60 -24.93
C GLY A 68 -12.59 -17.45 -23.69
N ILE A 69 -12.55 -16.27 -23.17
CA ILE A 69 -11.86 -16.02 -21.89
C ILE A 69 -12.89 -16.07 -20.76
N ARG A 70 -12.57 -16.90 -19.80
CA ARG A 70 -13.42 -17.10 -18.62
C ARG A 70 -13.24 -16.00 -17.54
N TYR A 71 -14.36 -15.62 -16.94
CA TYR A 71 -14.40 -14.63 -15.87
C TYR A 71 -15.44 -15.11 -14.87
N THR A 72 -15.29 -14.60 -13.69
CA THR A 72 -16.30 -14.88 -12.63
C THR A 72 -16.61 -13.61 -11.84
N ILE A 73 -17.79 -13.53 -11.26
CA ILE A 73 -18.06 -12.24 -10.62
C ILE A 73 -17.73 -12.42 -9.16
N MET A 74 -16.83 -11.59 -8.69
CA MET A 74 -16.40 -11.67 -7.27
C MET A 74 -17.27 -10.76 -6.43
N ILE A 75 -17.55 -9.57 -6.91
CA ILE A 75 -18.39 -8.65 -6.19
C ILE A 75 -19.48 -8.16 -7.14
N GLU A 76 -20.74 -8.50 -6.89
CA GLU A 76 -21.88 -8.28 -7.81
C GLU A 76 -22.37 -6.86 -7.71
N ASP A 77 -22.01 -6.22 -6.64
CA ASP A 77 -22.30 -4.80 -6.58
C ASP A 77 -21.39 -4.10 -5.58
N VAL A 78 -20.50 -3.28 -6.03
CA VAL A 78 -19.52 -2.66 -5.15
C VAL A 78 -20.14 -1.63 -4.19
N GLN A 79 -21.25 -1.03 -4.61
CA GLN A 79 -21.87 -0.01 -3.78
C GLN A 79 -22.42 -0.65 -2.49
N LEU A 80 -22.75 -1.92 -2.50
CA LEU A 80 -23.29 -2.52 -1.27
C LEU A 80 -22.17 -2.62 -0.25
N LEU A 81 -20.99 -2.84 -0.73
CA LEU A 81 -19.87 -2.94 0.18
C LEU A 81 -19.58 -1.57 0.72
N LEU A 82 -19.76 -0.60 -0.15
CA LEU A 82 -19.60 0.77 0.35
C LEU A 82 -20.60 1.08 1.48
N ASP A 83 -21.83 0.64 1.27
CA ASP A 83 -22.92 1.01 2.19
C ASP A 83 -22.63 0.35 3.53
N GLU A 84 -22.13 -0.88 3.49
CA GLU A 84 -21.74 -1.59 4.72
C GLU A 84 -20.58 -0.92 5.46
N GLU A 85 -19.67 -0.39 4.71
CA GLU A 85 -18.54 0.26 5.35
C GLU A 85 -18.99 1.50 6.04
N GLN A 86 -19.76 2.29 5.29
CA GLN A 86 -20.24 3.62 5.75
C GLN A 86 -21.12 3.48 6.99
N GLU A 87 -21.87 2.39 6.94
CA GLU A 87 -22.81 2.02 8.02
C GLU A 87 -21.99 1.74 9.27
N GLN A 88 -20.90 1.01 9.15
CA GLN A 88 -20.21 0.67 10.40
C GLN A 88 -19.29 1.76 10.95
N MET A 89 -18.88 2.68 10.09
CA MET A 89 -18.14 3.81 10.61
C MET A 89 -19.12 4.69 11.39
N PHE A 90 -20.35 4.72 10.92
CA PHE A 90 -21.45 5.52 11.54
C PHE A 90 -21.67 5.01 12.97
N ALA A 91 -21.83 3.72 13.09
CA ALA A 91 -22.03 3.04 14.36
C ALA A 91 -20.77 3.10 15.25
N SER A 92 -19.60 3.34 14.68
CA SER A 92 -18.35 3.24 15.47
C SER A 92 -17.83 4.64 15.85
N GLN A 93 -18.63 5.60 15.48
CA GLN A 93 -18.29 7.03 15.57
C GLN A 93 -18.12 7.35 17.06
N GLY A 94 -16.87 7.32 17.47
CA GLY A 94 -16.52 7.42 18.89
C GLY A 94 -15.83 8.74 19.21
N ARG A 95 -15.27 8.81 20.39
CA ARG A 95 -14.63 10.05 20.84
C ARG A 95 -13.34 9.74 21.60
N ALA A 96 -12.25 9.58 20.85
CA ALA A 96 -10.88 9.28 21.35
C ALA A 96 -10.12 10.52 21.84
N ARG A 97 -10.09 10.63 23.16
CA ARG A 97 -9.25 11.63 23.84
C ARG A 97 -7.96 10.95 24.27
N THR A 98 -7.96 9.59 24.26
CA THR A 98 -6.77 8.79 24.63
C THR A 98 -6.58 7.68 23.62
N THR A 99 -5.36 7.18 23.54
CA THR A 99 -5.11 6.05 22.59
C THR A 99 -5.59 4.71 23.14
N SER A 100 -5.79 4.68 24.41
CA SER A 100 -6.34 3.45 24.96
C SER A 100 -7.86 3.37 24.71
N THR A 101 -8.43 4.50 24.29
CA THR A 101 -9.88 4.40 24.02
C THR A 101 -10.17 4.67 22.55
N PHE A 102 -9.11 4.72 21.78
CA PHE A 102 -9.33 4.88 20.31
C PHE A 102 -9.94 3.60 19.71
N ASN A 103 -10.80 3.72 18.71
CA ASN A 103 -11.36 2.46 18.13
C ASN A 103 -10.48 2.04 16.96
N TYR A 104 -9.76 0.96 17.17
CA TYR A 104 -8.84 0.51 16.17
C TYR A 104 -9.54 -0.40 15.15
N ALA A 105 -10.78 -0.73 15.48
CA ALA A 105 -11.55 -1.68 14.67
C ALA A 105 -12.62 -0.95 13.86
N THR A 106 -12.31 0.26 13.42
CA THR A 106 -13.14 0.97 12.44
C THR A 106 -12.25 1.87 11.62
N TYR A 107 -12.73 2.20 10.42
CA TYR A 107 -11.94 3.05 9.54
C TYR A 107 -12.12 4.49 9.99
N HIS A 108 -11.05 5.28 9.88
CA HIS A 108 -11.08 6.69 10.31
C HIS A 108 -10.83 7.68 9.19
N THR A 109 -11.16 8.92 9.46
CA THR A 109 -10.89 10.01 8.51
C THR A 109 -9.46 10.52 8.75
N LEU A 110 -8.95 11.32 7.81
CA LEU A 110 -7.63 11.96 7.86
C LEU A 110 -7.46 12.74 9.18
N GLU A 111 -8.45 13.53 9.54
CA GLU A 111 -8.37 14.40 10.77
C GLU A 111 -8.22 13.48 12.00
N GLU A 112 -9.03 12.45 12.08
CA GLU A 112 -9.12 11.60 13.26
C GLU A 112 -7.79 10.86 13.46
N ILE A 113 -7.10 10.60 12.36
CA ILE A 113 -5.80 9.90 12.44
C ILE A 113 -4.74 10.91 12.85
N TYR A 114 -4.79 12.12 12.31
CA TYR A 114 -3.81 13.17 12.68
C TYR A 114 -3.97 13.54 14.16
N ASP A 115 -5.19 13.48 14.62
CA ASP A 115 -5.52 13.68 16.03
C ASP A 115 -4.81 12.60 16.84
N PHE A 116 -4.87 11.36 16.31
CA PHE A 116 -4.34 10.21 17.00
C PHE A 116 -2.83 10.39 17.19
N MET A 117 -2.17 10.88 16.17
CA MET A 117 -0.71 11.08 16.28
C MET A 117 -0.30 12.04 17.42
N ASP A 118 -1.10 13.11 17.58
CA ASP A 118 -0.84 14.18 18.58
C ASP A 118 -1.20 13.70 19.99
N ILE A 119 -2.21 12.87 20.07
CA ILE A 119 -2.51 12.28 21.36
C ILE A 119 -1.42 11.24 21.70
N LEU A 120 -0.83 10.58 20.69
CA LEU A 120 0.17 9.51 20.98
C LEU A 120 1.48 10.15 21.42
N VAL A 121 1.91 11.21 20.70
CA VAL A 121 3.21 11.85 21.05
C VAL A 121 3.11 12.55 22.40
N ALA A 122 1.90 12.96 22.74
CA ALA A 122 1.68 13.65 24.03
C ALA A 122 1.66 12.65 25.18
N GLU A 123 1.17 11.45 24.90
CA GLU A 123 1.18 10.39 25.93
C GLU A 123 2.55 9.74 26.11
N HIS A 124 3.39 9.79 25.13
CA HIS A 124 4.74 9.16 25.24
C HIS A 124 5.73 10.06 24.53
N PRO A 125 6.00 11.19 25.13
CA PRO A 125 6.88 12.23 24.54
C PRO A 125 8.35 11.83 24.42
N ALA A 126 8.72 10.82 25.22
CA ALA A 126 10.14 10.46 25.30
C ALA A 126 10.47 9.36 24.29
N LEU A 127 9.44 8.92 23.57
CA LEU A 127 9.65 7.79 22.62
C LEU A 127 9.24 8.21 21.21
N VAL A 128 8.08 8.84 21.10
CA VAL A 128 7.58 9.19 19.76
C VAL A 128 7.57 10.69 19.51
N SER A 129 7.89 11.05 18.30
CA SER A 129 7.94 12.44 17.92
C SER A 129 7.19 12.55 16.60
N LYS A 130 6.64 13.69 16.33
CA LYS A 130 5.94 13.89 15.07
C LYS A 130 6.69 14.86 14.16
N LEU A 131 7.40 14.29 13.20
CA LEU A 131 8.23 15.00 12.22
C LEU A 131 7.37 15.34 11.03
N GLN A 132 7.38 16.59 10.59
CA GLN A 132 6.76 16.93 9.30
C GLN A 132 7.79 16.99 8.18
N ILE A 133 7.66 16.07 7.25
CA ILE A 133 8.64 16.07 6.15
C ILE A 133 8.12 16.69 4.88
N GLY A 134 7.04 17.42 5.00
CA GLY A 134 6.69 18.13 3.75
C GLY A 134 5.21 18.49 3.72
N ARG A 135 4.86 19.03 2.57
CA ARG A 135 3.42 19.36 2.43
C ARG A 135 2.93 18.92 1.04
N SER A 136 1.75 18.34 0.97
CA SER A 136 1.27 17.73 -0.26
C SER A 136 0.80 18.81 -1.24
N TYR A 137 0.27 18.36 -2.38
CA TYR A 137 -0.15 19.30 -3.43
C TYR A 137 -1.26 20.21 -2.91
N GLU A 138 -2.21 19.64 -2.16
CA GLU A 138 -3.30 20.45 -1.58
C GLU A 138 -2.90 20.98 -0.21
N GLY A 139 -1.62 21.01 -0.01
CA GLY A 139 -1.07 21.80 1.10
C GLY A 139 -1.22 21.14 2.44
N ARG A 140 -1.61 19.85 2.43
CA ARG A 140 -1.74 19.16 3.73
C ARG A 140 -0.36 18.78 4.22
N PRO A 141 -0.12 18.83 5.50
CA PRO A 141 1.21 18.51 5.99
C PRO A 141 1.43 17.01 5.90
N ILE A 142 2.65 16.62 5.55
CA ILE A 142 3.00 15.22 5.57
C ILE A 142 3.83 14.83 6.80
N TYR A 143 3.23 13.93 7.60
CA TYR A 143 3.83 13.60 8.90
C TYR A 143 4.37 12.18 8.94
N VAL A 144 5.45 12.07 9.71
CA VAL A 144 6.14 10.84 10.05
C VAL A 144 6.24 10.77 11.57
N LEU A 145 6.02 9.61 12.14
CA LEU A 145 6.30 9.41 13.57
C LEU A 145 7.71 8.86 13.73
N LYS A 146 8.47 9.42 14.66
CA LYS A 146 9.78 8.85 14.93
C LYS A 146 9.75 8.14 16.29
N PHE A 147 10.04 6.84 16.28
CA PHE A 147 10.13 6.11 17.56
C PHE A 147 11.62 5.84 17.88
N SER A 148 12.09 6.40 19.01
CA SER A 148 13.53 6.41 19.33
C SER A 148 13.83 6.51 20.81
N THR A 149 14.89 5.87 21.23
CA THR A 149 15.30 5.90 22.66
C THR A 149 16.63 6.66 22.74
N GLY A 150 16.94 7.35 21.70
CA GLY A 150 18.13 8.19 21.78
C GLY A 150 19.08 8.01 20.60
N GLY A 151 20.29 8.52 20.77
CA GLY A 151 21.31 8.35 19.78
C GLY A 151 21.39 9.54 18.83
N SER A 152 22.42 9.52 18.03
CA SER A 152 22.55 10.39 16.88
C SER A 152 22.81 9.57 15.61
N ASN A 153 21.84 9.81 14.74
CA ASN A 153 21.59 9.06 13.52
C ASN A 153 21.81 7.55 13.70
N ARG A 154 21.11 6.93 14.64
CA ARG A 154 21.06 5.46 14.78
C ARG A 154 20.35 4.88 13.57
N PRO A 155 20.90 3.79 13.10
CA PRO A 155 20.26 2.89 12.09
C PRO A 155 18.75 2.85 12.23
N ALA A 156 18.07 3.17 11.15
CA ALA A 156 16.64 3.29 11.29
C ALA A 156 15.94 2.30 10.38
N ILE A 157 14.67 2.11 10.66
CA ILE A 157 13.70 1.26 9.95
C ILE A 157 12.48 2.11 9.56
N TRP A 158 12.30 2.29 8.28
CA TRP A 158 11.17 2.99 7.71
C TRP A 158 10.04 2.01 7.34
N ILE A 159 8.85 2.34 7.79
CA ILE A 159 7.56 1.76 7.34
C ILE A 159 6.67 2.89 6.81
N ASP A 160 6.13 2.75 5.63
CA ASP A 160 5.08 3.64 5.24
C ASP A 160 3.84 2.85 4.97
N SER A 161 2.71 3.54 5.04
CA SER A 161 1.40 2.96 4.71
C SER A 161 0.56 3.95 3.93
N GLY A 162 -0.33 3.47 3.10
CA GLY A 162 -1.27 4.38 2.45
C GLY A 162 -0.69 5.24 1.35
N ILE A 163 0.22 4.70 0.58
CA ILE A 163 0.71 5.49 -0.59
C ILE A 163 -0.34 5.45 -1.69
N HIS A 164 -1.20 4.45 -1.57
CA HIS A 164 -2.34 4.38 -2.45
C HIS A 164 -3.58 4.48 -1.60
N SER A 165 -4.25 5.58 -1.77
CA SER A 165 -5.25 6.02 -0.82
C SER A 165 -6.41 5.06 -0.65
N ARG A 166 -6.80 4.38 -1.73
CA ARG A 166 -7.97 3.48 -1.69
C ARG A 166 -7.75 2.27 -0.75
N GLU A 167 -6.51 2.02 -0.35
CA GLU A 167 -6.10 0.83 0.44
C GLU A 167 -6.28 0.92 1.95
N TRP A 168 -7.49 1.23 2.37
CA TRP A 168 -7.72 1.67 3.75
C TRP A 168 -7.21 0.73 4.84
N ILE A 169 -7.00 -0.52 4.52
CA ILE A 169 -6.43 -1.43 5.51
C ILE A 169 -4.99 -1.09 5.85
N THR A 170 -4.30 -0.33 4.97
CA THR A 170 -2.92 -0.01 5.28
C THR A 170 -2.80 1.12 6.28
N GLN A 171 -3.63 2.18 6.17
CA GLN A 171 -3.52 3.33 7.11
C GLN A 171 -4.02 2.90 8.51
N ALA A 172 -4.99 2.04 8.53
CA ALA A 172 -5.59 1.48 9.70
C ALA A 172 -4.61 0.58 10.43
N SER A 173 -3.87 -0.17 9.66
CA SER A 173 -2.84 -1.01 10.32
C SER A 173 -1.68 -0.10 10.75
N GLY A 174 -1.36 0.92 10.01
CA GLY A 174 -0.28 1.82 10.44
C GLY A 174 -0.59 2.49 11.81
N VAL A 175 -1.83 2.79 12.07
CA VAL A 175 -2.27 3.32 13.34
C VAL A 175 -2.25 2.30 14.48
N TRP A 176 -2.53 1.08 14.16
CA TRP A 176 -2.50 0.04 15.19
C TRP A 176 -1.05 -0.24 15.55
N PHE A 177 -0.17 -0.24 14.57
CA PHE A 177 1.28 -0.51 14.83
C PHE A 177 1.87 0.54 15.74
N ALA A 178 1.47 1.80 15.54
CA ALA A 178 2.03 2.96 16.33
C ALA A 178 1.58 2.91 17.79
N LYS A 179 0.39 2.40 18.03
CA LYS A 179 0.02 2.09 19.43
C LYS A 179 0.87 0.92 19.94
N LYS A 180 1.11 -0.04 19.02
CA LYS A 180 1.70 -1.30 19.37
C LYS A 180 3.14 -1.16 19.87
N ILE A 181 3.86 -0.34 19.16
CA ILE A 181 5.25 -0.13 19.54
C ILE A 181 5.31 0.51 20.97
N THR A 182 4.49 1.52 21.24
CA THR A 182 4.50 2.22 22.55
C THR A 182 3.85 1.31 23.57
N GLU A 183 3.33 0.19 23.11
CA GLU A 183 2.85 -0.80 24.06
C GLU A 183 3.89 -1.85 24.42
N ASN A 184 4.61 -2.32 23.43
CA ASN A 184 5.51 -3.46 23.67
C ASN A 184 6.89 -3.02 24.03
N TYR A 185 7.19 -1.73 23.83
CA TYR A 185 8.50 -1.24 24.34
C TYR A 185 8.52 -1.35 25.85
N GLY A 186 9.48 -2.11 26.31
CA GLY A 186 9.65 -2.23 27.76
C GLY A 186 8.92 -3.45 28.26
N GLN A 187 7.95 -3.92 27.50
CA GLN A 187 7.22 -5.10 28.03
C GLN A 187 7.58 -6.34 27.22
N ASN A 188 7.98 -6.11 25.98
CA ASN A 188 8.48 -7.23 25.17
C ASN A 188 9.99 -7.16 25.05
N SER A 189 10.60 -8.03 25.83
CA SER A 189 12.07 -8.16 25.89
C SER A 189 12.72 -8.07 24.52
N SER A 190 12.16 -8.82 23.61
CA SER A 190 12.71 -8.88 22.23
C SER A 190 12.53 -7.56 21.50
N PHE A 191 11.33 -6.99 21.61
CA PHE A 191 11.06 -5.77 20.78
C PHE A 191 11.79 -4.57 21.39
N THR A 192 11.97 -4.68 22.73
CA THR A 192 12.71 -3.65 23.46
C THR A 192 14.16 -3.54 23.02
N ALA A 193 14.73 -4.67 22.73
CA ALA A 193 16.08 -4.72 22.18
C ALA A 193 16.14 -4.09 20.80
N ILE A 194 15.04 -4.08 20.08
CA ILE A 194 15.16 -3.49 18.73
C ILE A 194 15.24 -1.97 18.86
N LEU A 195 14.34 -1.43 19.68
CA LEU A 195 14.28 0.06 19.79
C LEU A 195 15.47 0.62 20.59
N ASP A 196 16.06 -0.26 21.42
CA ASP A 196 17.28 0.17 22.15
C ASP A 196 18.41 0.34 21.14
N SER A 197 18.28 -0.28 19.97
CA SER A 197 19.43 -0.13 19.06
C SER A 197 19.09 0.72 17.85
N MET A 198 17.80 0.80 17.56
CA MET A 198 17.41 1.36 16.28
C MET A 198 16.29 2.32 16.48
N ASP A 199 16.15 3.16 15.46
CA ASP A 199 14.99 4.08 15.26
C ASP A 199 13.97 3.46 14.32
N ILE A 200 12.70 3.74 14.56
CA ILE A 200 11.62 3.35 13.61
C ILE A 200 10.88 4.61 13.13
N PHE A 201 10.90 4.84 11.80
CA PHE A 201 10.09 5.91 11.18
C PHE A 201 8.82 5.35 10.56
N LEU A 202 7.67 5.84 10.98
CA LEU A 202 6.41 5.24 10.51
C LEU A 202 5.57 6.38 9.94
N GLU A 203 5.37 6.35 8.62
CA GLU A 203 4.51 7.34 7.94
C GLU A 203 3.12 6.76 7.65
N ILE A 204 2.12 7.21 8.38
CA ILE A 204 0.81 6.57 8.26
C ILE A 204 0.01 6.98 7.04
N VAL A 205 -0.09 8.26 6.77
CA VAL A 205 -0.90 8.71 5.62
C VAL A 205 0.05 9.31 4.58
N THR A 206 0.58 8.43 3.78
CA THR A 206 1.68 8.84 2.90
C THR A 206 1.14 9.61 1.67
N ASN A 207 -0.19 9.46 1.45
CA ASN A 207 -0.87 10.21 0.40
C ASN A 207 -2.12 10.90 0.96
N PRO A 208 -1.94 12.02 1.73
CA PRO A 208 -3.07 12.64 2.46
C PRO A 208 -4.16 13.20 1.56
N ASN A 209 -3.84 13.75 0.39
CA ASN A 209 -4.84 14.42 -0.47
C ASN A 209 -5.76 13.34 -1.01
N GLY A 210 -5.08 12.31 -1.46
CA GLY A 210 -5.78 11.09 -1.92
C GLY A 210 -6.72 10.55 -0.84
N PHE A 211 -6.19 10.41 0.38
CA PHE A 211 -6.90 9.71 1.46
C PHE A 211 -8.17 10.51 1.79
N ALA A 212 -8.02 11.82 1.73
CA ALA A 212 -9.18 12.64 2.08
C ALA A 212 -10.22 12.56 0.97
N PHE A 213 -9.69 12.49 -0.24
CA PHE A 213 -10.57 12.37 -1.45
C PHE A 213 -11.34 11.06 -1.48
N THR A 214 -10.76 9.97 -0.99
CA THR A 214 -11.53 8.71 -0.88
C THR A 214 -12.57 8.78 0.24
N HIS A 215 -12.52 9.81 1.07
CA HIS A 215 -13.63 9.98 2.02
C HIS A 215 -14.63 10.98 1.52
N SER A 216 -14.13 11.96 0.78
CA SER A 216 -15.01 13.03 0.24
C SER A 216 -15.73 12.70 -1.03
N ASP A 217 -14.95 12.35 -2.03
CA ASP A 217 -15.54 12.19 -3.37
C ASP A 217 -15.47 10.79 -3.99
N ASN A 218 -14.34 10.10 -3.90
CA ASN A 218 -14.20 8.86 -4.67
C ASN A 218 -13.44 7.82 -3.87
N ARG A 219 -14.16 6.84 -3.35
CA ARG A 219 -13.64 5.76 -2.53
C ARG A 219 -12.49 5.04 -3.23
N LEU A 220 -12.66 4.90 -4.52
CA LEU A 220 -11.78 3.95 -5.28
C LEU A 220 -10.59 4.72 -5.91
N TRP A 221 -10.32 5.90 -5.39
CA TRP A 221 -9.19 6.74 -5.86
C TRP A 221 -7.84 6.21 -5.35
N ARG A 222 -6.85 6.09 -6.24
CA ARG A 222 -5.54 5.48 -5.85
C ARG A 222 -4.37 6.48 -5.95
N LYS A 223 -4.42 7.46 -6.85
CA LYS A 223 -3.31 8.36 -7.12
C LYS A 223 -3.19 9.58 -6.16
N THR A 224 -2.31 10.48 -6.48
CA THR A 224 -2.22 11.81 -5.84
C THR A 224 -3.31 12.75 -6.38
N ARG A 225 -3.29 14.02 -5.95
CA ARG A 225 -4.29 14.95 -6.54
C ARG A 225 -3.64 16.12 -7.26
N SER A 226 -2.46 15.91 -7.80
CA SER A 226 -1.88 16.97 -8.62
C SER A 226 -2.59 17.16 -9.94
N LYS A 227 -2.96 18.41 -10.19
CA LYS A 227 -3.69 18.79 -11.42
C LYS A 227 -2.69 19.20 -12.49
N ALA A 228 -2.82 18.52 -13.63
CA ALA A 228 -1.73 18.47 -14.62
C ALA A 228 -2.01 19.38 -15.82
N SER A 229 -0.97 19.73 -16.45
CA SER A 229 -0.94 20.54 -17.66
C SER A 229 -1.63 19.82 -18.82
N GLY A 230 -2.85 20.25 -19.05
CA GLY A 230 -3.52 19.94 -20.31
C GLY A 230 -4.75 19.06 -20.18
N SER A 231 -4.98 18.48 -19.01
CA SER A 231 -6.05 17.46 -18.98
C SER A 231 -7.23 17.80 -18.08
N LEU A 232 -8.36 17.12 -18.33
CA LEU A 232 -9.51 17.05 -17.39
C LEU A 232 -9.09 16.09 -16.25
N CYS A 233 -7.91 15.57 -16.42
CA CYS A 233 -7.38 14.43 -15.67
C CYS A 233 -6.32 14.80 -14.65
N VAL A 234 -6.54 14.23 -13.46
CA VAL A 234 -5.88 14.53 -12.16
C VAL A 234 -5.11 13.34 -11.58
N GLY A 235 -3.91 13.64 -11.04
CA GLY A 235 -3.16 12.63 -10.24
C GLY A 235 -2.10 11.88 -11.01
N SER A 236 -1.11 11.42 -10.25
CA SER A 236 -0.18 10.44 -10.78
C SER A 236 0.00 9.27 -9.81
N ASP A 237 0.30 8.11 -10.32
CA ASP A 237 0.43 6.93 -9.44
C ASP A 237 1.77 7.05 -8.78
N SER A 238 1.62 7.20 -7.51
CA SER A 238 2.78 7.45 -6.62
C SER A 238 3.83 6.31 -6.60
N ASN A 239 3.45 5.15 -7.04
CA ASN A 239 4.39 4.02 -7.01
C ASN A 239 4.67 3.68 -8.47
N ARG A 240 4.65 4.69 -9.28
CA ARG A 240 5.23 4.61 -10.62
C ARG A 240 6.10 5.87 -10.81
N ASN A 241 6.29 6.63 -9.78
CA ASN A 241 6.89 7.99 -9.89
C ASN A 241 8.35 8.02 -9.48
N TRP A 242 8.94 6.90 -9.11
CA TRP A 242 10.32 6.90 -8.54
C TRP A 242 11.33 6.74 -9.66
N ASP A 243 12.58 7.06 -9.36
CA ASP A 243 13.59 6.97 -10.48
C ASP A 243 14.27 5.61 -10.42
N ALA A 244 13.47 4.61 -10.66
CA ALA A 244 14.02 3.26 -10.86
C ALA A 244 13.24 2.63 -11.99
N GLY A 245 13.80 2.74 -13.15
CA GLY A 245 13.09 2.19 -14.29
C GLY A 245 11.96 3.11 -14.72
N PHE A 246 12.03 4.36 -14.30
CA PHE A 246 11.02 5.35 -14.61
C PHE A 246 10.66 5.34 -16.08
N GLY A 247 9.38 5.32 -16.33
CA GLY A 247 8.90 5.44 -17.69
C GLY A 247 9.04 4.14 -18.47
N GLY A 248 9.45 3.12 -17.78
CA GLY A 248 9.59 1.78 -18.36
C GLY A 248 8.25 1.06 -18.38
N ALA A 249 8.30 -0.13 -18.91
CA ALA A 249 7.09 -0.96 -19.10
C ALA A 249 6.44 -1.17 -17.75
N GLY A 250 5.09 -1.02 -17.65
CA GLY A 250 4.44 -1.20 -16.34
C GLY A 250 3.89 0.12 -15.79
N ALA A 251 4.07 1.19 -16.53
CA ALA A 251 3.57 2.53 -16.11
C ALA A 251 3.01 3.26 -17.31
N SER A 252 1.94 3.94 -17.10
CA SER A 252 1.27 4.53 -18.26
C SER A 252 1.74 5.97 -18.46
N SER A 253 1.78 6.40 -19.70
CA SER A 253 2.14 7.82 -20.07
C SER A 253 0.87 8.67 -20.23
N SER A 254 -0.36 8.08 -19.99
CA SER A 254 -1.64 8.76 -20.10
C SER A 254 -2.10 9.26 -18.77
N PRO A 255 -2.32 10.54 -18.72
CA PRO A 255 -2.56 11.21 -17.42
C PRO A 255 -3.86 10.75 -16.79
N CYS A 256 -4.69 10.17 -17.67
CA CYS A 256 -5.98 9.69 -17.21
C CYS A 256 -5.89 8.26 -16.67
N ALA A 257 -4.76 7.62 -17.01
CA ALA A 257 -4.50 6.25 -16.46
C ALA A 257 -4.20 6.18 -14.97
N GLU A 258 -4.61 5.06 -14.38
CA GLU A 258 -4.48 4.91 -12.91
C GLU A 258 -3.05 4.56 -12.58
N THR A 259 -2.26 4.42 -13.59
CA THR A 259 -0.90 3.98 -13.41
C THR A 259 0.08 4.89 -14.19
N TYR A 260 -0.36 6.14 -14.37
CA TYR A 260 0.37 7.24 -14.98
C TYR A 260 1.51 7.73 -14.11
N HIS A 261 2.70 7.80 -14.71
CA HIS A 261 3.94 7.96 -13.97
C HIS A 261 4.31 9.39 -13.60
N GLY A 262 3.66 10.36 -14.17
CA GLY A 262 4.10 11.73 -13.92
C GLY A 262 5.03 12.20 -15.04
N LYS A 263 5.37 13.48 -15.01
CA LYS A 263 6.12 13.98 -16.19
C LYS A 263 7.59 13.67 -16.02
N TYR A 264 7.96 13.50 -14.76
CA TYR A 264 9.35 13.22 -14.44
C TYR A 264 9.42 12.56 -13.07
N PRO A 265 10.52 11.83 -12.88
CA PRO A 265 10.66 11.01 -11.73
C PRO A 265 10.82 11.97 -10.57
N ASN A 266 9.99 11.75 -9.58
CA ASN A 266 9.95 12.47 -8.30
C ASN A 266 9.23 13.81 -8.40
N SER A 267 8.37 13.85 -9.40
CA SER A 267 7.50 15.03 -9.65
C SER A 267 6.47 15.19 -8.56
N GLU A 268 6.12 14.12 -7.86
CA GLU A 268 5.13 14.33 -6.81
C GLU A 268 5.84 14.68 -5.51
N VAL A 269 5.29 15.67 -4.86
CA VAL A 269 5.73 16.19 -3.58
C VAL A 269 5.78 15.11 -2.51
N GLU A 270 4.77 14.29 -2.53
CA GLU A 270 4.59 13.24 -1.50
C GLU A 270 5.69 12.17 -1.68
N VAL A 271 6.25 12.09 -2.89
CA VAL A 271 7.34 11.15 -3.17
C VAL A 271 8.66 11.89 -2.95
N LYS A 272 8.73 13.13 -3.34
CA LYS A 272 10.02 13.80 -3.28
C LYS A 272 10.38 14.12 -1.84
N SER A 273 9.37 14.23 -1.01
CA SER A 273 9.61 14.39 0.42
C SER A 273 10.32 13.18 0.99
N ILE A 274 9.93 12.03 0.48
CA ILE A 274 10.50 10.81 1.03
C ILE A 274 11.93 10.66 0.52
N THR A 275 12.07 11.05 -0.73
CA THR A 275 13.34 10.86 -1.38
C THR A 275 14.38 11.73 -0.70
N ASP A 276 13.95 12.94 -0.29
CA ASP A 276 14.83 13.89 0.44
C ASP A 276 15.00 13.43 1.87
N PHE A 277 13.99 12.80 2.45
CA PHE A 277 14.14 12.32 3.83
C PHE A 277 15.21 11.23 3.84
N VAL A 278 15.08 10.31 2.91
CA VAL A 278 15.96 9.16 2.89
C VAL A 278 17.36 9.66 2.57
N LYS A 279 17.44 10.43 1.52
CA LYS A 279 18.76 10.89 1.09
C LYS A 279 19.38 11.85 2.12
N ASN A 280 18.60 12.44 3.02
CA ASN A 280 19.20 13.24 4.10
C ASN A 280 19.43 12.40 5.34
N ASN A 281 18.78 11.24 5.45
CA ASN A 281 18.93 10.45 6.70
C ASN A 281 20.11 9.53 6.57
N GLY A 282 19.92 8.62 5.66
CA GLY A 282 21.15 7.97 5.15
C GLY A 282 21.53 6.80 6.02
N ASN A 283 20.91 6.66 7.13
CA ASN A 283 21.26 5.50 7.97
C ASN A 283 20.02 4.60 8.11
N ILE A 284 19.22 4.63 7.07
CA ILE A 284 18.01 3.75 7.01
C ILE A 284 18.45 2.41 6.43
N LYS A 285 18.17 1.41 7.17
CA LYS A 285 18.69 0.04 6.97
C LYS A 285 17.63 -0.90 6.35
N ALA A 286 16.39 -0.72 6.77
CA ALA A 286 15.31 -1.47 6.16
C ALA A 286 14.19 -0.50 5.80
N PHE A 287 13.60 -0.78 4.63
CA PHE A 287 12.53 0.07 4.03
C PHE A 287 11.33 -0.78 3.59
N ILE A 288 10.25 -0.65 4.30
CA ILE A 288 9.04 -1.43 4.05
C ILE A 288 7.88 -0.54 3.64
N SER A 289 7.41 -0.70 2.40
CA SER A 289 6.21 0.00 1.90
C SER A 289 4.99 -0.93 1.85
N ILE A 290 3.91 -0.52 2.47
CA ILE A 290 2.72 -1.38 2.68
C ILE A 290 1.47 -0.99 1.89
N HIS A 291 1.00 -2.00 1.17
CA HIS A 291 -0.21 -1.88 0.32
C HIS A 291 -1.24 -2.95 0.71
N SER A 292 -2.27 -2.96 -0.12
CA SER A 292 -3.20 -4.12 -0.20
C SER A 292 -3.79 -4.09 -1.60
N TYR A 293 -4.33 -5.17 -2.14
CA TYR A 293 -4.47 -6.46 -1.48
C TYR A 293 -3.73 -7.47 -2.33
N SER A 294 -3.76 -8.73 -1.88
CA SER A 294 -3.31 -9.98 -2.53
C SER A 294 -2.46 -10.91 -1.66
N GLN A 295 -2.13 -10.49 -0.42
CA GLN A 295 -1.42 -11.42 0.49
C GLN A 295 -0.08 -11.88 -0.06
N LEU A 296 0.72 -10.89 -0.38
CA LEU A 296 2.06 -11.08 -0.97
C LEU A 296 3.10 -10.37 -0.09
N LEU A 297 4.29 -10.90 0.01
CA LEU A 297 5.45 -10.12 0.50
C LEU A 297 6.53 -10.05 -0.58
N LEU A 298 6.89 -8.89 -0.99
CA LEU A 298 7.59 -8.74 -2.28
C LEU A 298 8.94 -8.03 -2.04
N TYR A 299 9.88 -8.25 -2.94
CA TYR A 299 11.16 -7.56 -2.88
C TYR A 299 11.56 -7.30 -4.34
N PRO A 300 12.61 -6.49 -4.55
CA PRO A 300 13.01 -6.08 -5.90
C PRO A 300 13.32 -7.23 -6.82
N TYR A 301 13.14 -7.03 -8.10
CA TYR A 301 12.77 -5.78 -8.73
C TYR A 301 11.38 -5.91 -9.33
N GLY A 302 10.85 -4.75 -9.72
CA GLY A 302 9.58 -4.71 -10.46
C GLY A 302 9.89 -4.44 -11.93
N TYR A 303 10.86 -3.59 -12.17
CA TYR A 303 11.00 -3.02 -13.52
C TYR A 303 11.80 -3.89 -14.47
N LYS A 304 12.31 -4.99 -13.95
CA LYS A 304 13.37 -5.73 -14.65
C LYS A 304 13.47 -7.17 -14.10
N THR A 305 13.79 -8.11 -14.95
CA THR A 305 13.79 -9.55 -14.62
C THR A 305 15.10 -9.97 -13.93
N GLN A 306 16.05 -9.06 -14.03
CA GLN A 306 17.38 -9.34 -13.46
C GLN A 306 17.29 -9.29 -11.93
N SER A 307 17.93 -10.27 -11.28
CA SER A 307 17.70 -10.44 -9.85
C SER A 307 18.50 -9.48 -9.03
N PRO A 308 17.93 -9.12 -7.88
CA PRO A 308 18.67 -8.31 -6.91
C PRO A 308 19.83 -9.17 -6.42
N ALA A 309 20.95 -8.53 -6.16
CA ALA A 309 22.18 -9.24 -5.75
C ALA A 309 21.96 -9.96 -4.44
N ASP A 310 21.09 -9.44 -3.60
CA ASP A 310 20.90 -10.07 -2.30
C ASP A 310 19.71 -11.01 -2.35
N LYS A 311 19.53 -11.66 -3.51
CA LYS A 311 18.29 -12.46 -3.70
C LYS A 311 18.08 -13.58 -2.72
N SER A 312 19.13 -14.30 -2.46
CA SER A 312 18.99 -15.47 -1.54
C SER A 312 18.63 -15.04 -0.11
N GLU A 313 19.23 -13.90 0.28
CA GLU A 313 18.99 -13.45 1.63
C GLU A 313 17.57 -12.92 1.75
N LEU A 314 17.20 -12.10 0.77
CA LEU A 314 15.86 -11.46 0.72
C LEU A 314 14.80 -12.58 0.71
N ASN A 315 15.07 -13.61 -0.04
CA ASN A 315 14.11 -14.71 -0.18
C ASN A 315 14.03 -15.48 1.15
N GLN A 316 15.13 -15.49 1.87
CA GLN A 316 15.08 -16.22 3.18
C GLN A 316 14.36 -15.42 4.27
N ILE A 317 14.63 -14.11 4.32
CA ILE A 317 13.90 -13.25 5.25
C ILE A 317 12.41 -13.42 4.95
N ALA A 318 12.08 -13.32 3.67
CA ALA A 318 10.69 -13.33 3.19
C ALA A 318 10.05 -14.68 3.56
N LYS A 319 10.85 -15.71 3.48
CA LYS A 319 10.40 -17.07 3.83
C LYS A 319 10.12 -17.16 5.33
N SER A 320 10.95 -16.51 6.11
CA SER A 320 10.79 -16.56 7.57
C SER A 320 9.63 -15.69 8.02
N ALA A 321 9.54 -14.53 7.37
CA ALA A 321 8.56 -13.58 7.79
C ALA A 321 7.16 -14.14 7.56
N VAL A 322 7.01 -14.71 6.38
CA VAL A 322 5.68 -15.12 5.93
C VAL A 322 5.20 -16.30 6.76
N ALA A 323 6.15 -17.09 7.16
CA ALA A 323 5.85 -18.17 8.07
C ALA A 323 5.43 -17.68 9.48
N ALA A 324 6.04 -16.59 9.91
CA ALA A 324 5.63 -16.02 11.22
C ALA A 324 4.22 -15.42 11.13
N LEU A 325 3.95 -14.75 10.01
CA LEU A 325 2.62 -14.14 9.76
C LEU A 325 1.57 -15.27 9.80
N LYS A 326 1.85 -16.32 9.08
CA LYS A 326 0.84 -17.44 8.93
C LYS A 326 0.56 -18.18 10.24
N SER A 327 1.51 -18.07 11.18
CA SER A 327 1.38 -18.88 12.38
C SER A 327 0.23 -18.38 13.24
N LEU A 328 -0.20 -17.14 13.03
CA LEU A 328 -1.29 -16.59 13.86
C LEU A 328 -2.66 -17.12 13.47
N TYR A 329 -3.00 -16.80 12.23
CA TYR A 329 -4.40 -16.96 11.74
C TYR A 329 -4.49 -17.81 10.49
N GLY A 330 -3.38 -18.37 10.06
CA GLY A 330 -3.54 -19.29 8.94
C GLY A 330 -3.49 -18.62 7.57
N THR A 331 -3.38 -17.32 7.56
CA THR A 331 -3.51 -16.51 6.34
C THR A 331 -2.32 -16.76 5.45
N SER A 332 -2.66 -17.13 4.25
CA SER A 332 -1.64 -17.65 3.34
C SER A 332 -1.06 -16.55 2.46
N TYR A 333 0.20 -16.38 2.58
CA TYR A 333 0.95 -15.42 1.76
C TYR A 333 1.81 -16.13 0.71
N LYS A 334 2.11 -15.41 -0.31
CA LYS A 334 3.17 -15.79 -1.19
C LYS A 334 4.28 -14.73 -1.18
N TYR A 335 5.46 -15.09 -1.69
CA TYR A 335 6.57 -14.12 -1.70
C TYR A 335 7.47 -14.28 -2.91
N GLY A 336 8.31 -13.30 -3.12
CA GLY A 336 9.23 -13.30 -4.21
C GLY A 336 9.31 -11.90 -4.84
N SER A 337 10.12 -11.77 -5.89
CA SER A 337 10.37 -10.46 -6.48
C SER A 337 9.11 -9.97 -7.18
N ILE A 338 8.90 -8.67 -7.10
CA ILE A 338 7.64 -8.08 -7.62
C ILE A 338 7.33 -8.62 -9.02
N ILE A 339 8.33 -8.65 -9.89
CA ILE A 339 8.08 -8.90 -11.34
C ILE A 339 7.63 -10.33 -11.59
N THR A 340 8.06 -11.23 -10.72
CA THR A 340 7.72 -12.65 -10.84
C THR A 340 6.48 -12.98 -10.03
N VAL A 341 6.12 -12.11 -9.04
CA VAL A 341 4.98 -12.50 -8.18
C VAL A 341 3.73 -11.64 -8.31
N ILE A 342 3.86 -10.52 -8.95
CA ILE A 342 2.63 -9.81 -9.26
C ILE A 342 2.60 -9.41 -10.74
N TYR A 343 3.44 -8.48 -11.10
CA TYR A 343 3.71 -8.13 -12.46
C TYR A 343 4.91 -7.17 -12.58
N GLN A 344 5.26 -6.98 -13.79
CA GLN A 344 6.27 -5.94 -14.10
C GLN A 344 5.62 -4.57 -13.87
N ALA A 345 6.34 -3.73 -13.19
CA ALA A 345 5.84 -2.37 -12.94
C ALA A 345 7.02 -1.45 -12.63
N SER A 346 7.17 -0.43 -13.43
CA SER A 346 8.36 0.41 -13.43
C SER A 346 8.19 1.68 -12.56
N GLY A 347 9.21 2.06 -11.86
CA GLY A 347 9.15 3.28 -11.07
C GLY A 347 8.58 3.05 -9.66
N GLY A 348 8.79 1.87 -9.08
CA GLY A 348 8.32 1.56 -7.69
C GLY A 348 9.25 2.12 -6.63
N VAL A 349 8.68 2.26 -5.41
CA VAL A 349 9.44 2.64 -4.23
C VAL A 349 10.65 1.74 -3.94
N ILE A 350 10.36 0.45 -3.64
CA ILE A 350 11.43 -0.40 -3.12
C ILE A 350 12.50 -0.65 -4.21
N ASP A 351 12.19 -0.51 -5.55
CA ASP A 351 13.24 -0.73 -6.56
C ASP A 351 14.23 0.41 -6.43
N TRP A 352 13.71 1.54 -6.04
CA TRP A 352 14.55 2.76 -5.86
C TRP A 352 15.40 2.63 -4.58
N THR A 353 14.75 2.28 -3.48
CA THR A 353 15.44 2.30 -2.20
C THR A 353 16.53 1.25 -2.20
N TYR A 354 16.25 0.15 -2.87
CA TYR A 354 17.23 -0.92 -2.91
C TYR A 354 18.38 -0.46 -3.81
N ASN A 355 18.06 0.26 -4.84
CA ASN A 355 19.15 0.80 -5.64
C ASN A 355 19.84 1.97 -4.93
N GLN A 356 19.33 2.42 -3.83
CA GLN A 356 20.06 3.40 -3.00
C GLN A 356 20.82 2.74 -1.85
N GLY A 357 20.84 1.42 -1.93
CA GLY A 357 21.70 0.67 -1.02
C GLY A 357 20.94 0.21 0.21
N ILE A 358 19.62 0.47 0.24
CA ILE A 358 18.84 -0.03 1.36
C ILE A 358 18.43 -1.50 1.12
N LYS A 359 19.32 -2.36 1.52
CA LYS A 359 19.29 -3.76 1.11
C LYS A 359 17.95 -4.42 1.45
N TYR A 360 17.47 -4.13 2.65
CA TYR A 360 16.26 -4.81 3.15
C TYR A 360 15.04 -3.99 2.79
N SER A 361 14.74 -3.96 1.48
CA SER A 361 13.62 -3.19 0.92
C SER A 361 12.47 -4.12 0.53
N PHE A 362 11.36 -4.03 1.29
CA PHE A 362 10.25 -4.99 1.14
C PHE A 362 8.96 -4.26 0.91
N SER A 363 8.05 -4.88 0.22
CA SER A 363 6.73 -4.29 -0.04
C SER A 363 5.65 -5.32 0.31
N PHE A 364 4.69 -4.95 1.10
CA PHE A 364 3.65 -5.93 1.47
C PHE A 364 2.43 -5.65 0.58
N GLU A 365 1.65 -6.67 0.34
CA GLU A 365 0.25 -6.54 -0.14
C GLU A 365 -0.61 -7.35 0.84
N LEU A 366 -1.39 -6.66 1.65
CA LEU A 366 -2.10 -7.25 2.78
C LEU A 366 -3.37 -7.97 2.30
N ARG A 367 -4.24 -8.27 3.23
CA ARG A 367 -5.49 -8.94 2.93
C ARG A 367 -6.37 -8.00 2.16
N ASP A 368 -7.28 -8.60 1.41
CA ASP A 368 -7.47 -10.06 1.27
C ASP A 368 -6.95 -10.61 -0.05
N THR A 369 -7.63 -11.58 -0.64
CA THR A 369 -7.14 -11.97 -1.95
C THR A 369 -8.24 -11.83 -2.97
N GLY A 370 -9.18 -10.98 -2.65
CA GLY A 370 -10.09 -10.59 -3.73
C GLY A 370 -11.55 -10.59 -3.37
N ARG A 371 -11.99 -11.26 -2.31
CA ARG A 371 -13.47 -11.20 -2.12
C ARG A 371 -13.98 -9.83 -1.66
N ARG A 372 -13.17 -9.09 -0.98
CA ARG A 372 -13.60 -7.69 -0.70
C ARG A 372 -12.62 -6.74 -1.40
N GLY A 373 -11.36 -7.21 -1.60
CA GLY A 373 -10.32 -6.29 -2.21
C GLY A 373 -10.04 -5.12 -1.25
N PHE A 374 -10.21 -3.92 -1.74
CA PHE A 374 -9.93 -2.69 -1.01
C PHE A 374 -11.00 -2.37 0.04
N LEU A 375 -12.16 -2.98 -0.16
CA LEU A 375 -13.29 -2.79 0.81
C LEU A 375 -13.31 -3.91 1.88
N LEU A 376 -12.16 -4.13 2.48
CA LEU A 376 -11.95 -5.15 3.54
C LEU A 376 -12.75 -4.80 4.80
N PRO A 377 -13.57 -5.73 5.28
CA PRO A 377 -14.41 -5.51 6.47
C PRO A 377 -13.61 -5.12 7.71
N ALA A 378 -14.15 -4.09 8.35
CA ALA A 378 -13.43 -3.46 9.46
C ALA A 378 -13.12 -4.43 10.58
N SER A 379 -13.86 -5.51 10.57
CA SER A 379 -13.62 -6.52 11.62
C SER A 379 -12.35 -7.30 11.31
N GLN A 380 -11.77 -7.09 10.12
CA GLN A 380 -10.50 -7.79 9.82
C GLN A 380 -9.31 -6.89 10.03
N ILE A 381 -9.54 -5.61 10.39
CA ILE A 381 -8.42 -4.65 10.51
C ILE A 381 -7.41 -5.08 11.57
N ILE A 382 -7.90 -5.45 12.72
CA ILE A 382 -7.04 -5.95 13.81
C ILE A 382 -6.32 -7.29 13.64
N PRO A 383 -6.99 -8.40 13.24
CA PRO A 383 -6.27 -9.60 12.74
C PRO A 383 -5.21 -9.34 11.68
N THR A 384 -5.53 -8.50 10.69
CA THR A 384 -4.55 -8.16 9.60
C THR A 384 -3.33 -7.47 10.19
N ALA A 385 -3.55 -6.47 11.04
CA ALA A 385 -2.43 -5.73 11.62
C ALA A 385 -1.60 -6.66 12.48
N GLN A 386 -2.31 -7.46 13.28
CA GLN A 386 -1.66 -8.38 14.21
C GLN A 386 -0.74 -9.39 13.54
N GLU A 387 -1.27 -10.05 12.50
CA GLU A 387 -0.40 -11.01 11.81
C GLU A 387 0.74 -10.31 11.02
N THR A 388 0.52 -9.08 10.53
CA THR A 388 1.57 -8.53 9.75
C THR A 388 2.67 -7.93 10.61
N TRP A 389 2.30 -7.76 11.87
CA TRP A 389 3.28 -7.31 12.86
C TRP A 389 4.27 -8.42 13.15
N LEU A 390 3.79 -9.65 13.11
CA LEU A 390 4.70 -10.80 13.28
C LEU A 390 5.73 -10.86 12.16
N ALA A 391 5.31 -10.50 10.97
CA ALA A 391 6.24 -10.55 9.84
C ALA A 391 7.21 -9.36 9.96
N LEU A 392 6.64 -8.21 10.36
CA LEU A 392 7.37 -6.88 10.37
C LEU A 392 8.44 -6.97 11.43
N LEU A 393 8.15 -7.74 12.49
CA LEU A 393 9.12 -8.03 13.57
C LEU A 393 10.27 -8.91 13.04
N THR A 394 9.91 -9.96 12.28
CA THR A 394 10.96 -10.87 11.78
C THR A 394 12.00 -10.12 10.91
N ILE A 395 11.52 -9.16 10.12
CA ILE A 395 12.39 -8.33 9.32
C ILE A 395 13.25 -7.37 10.19
N MET A 396 12.67 -6.84 11.26
CA MET A 396 13.33 -5.90 12.15
C MET A 396 14.42 -6.60 12.93
N GLU A 397 14.07 -7.79 13.40
CA GLU A 397 15.05 -8.64 14.09
C GLU A 397 16.24 -8.94 13.16
N HIS A 398 15.96 -9.10 11.88
CA HIS A 398 17.04 -9.53 10.95
C HIS A 398 18.01 -8.38 10.72
N THR A 399 17.37 -7.19 10.61
CA THR A 399 18.09 -5.90 10.48
C THR A 399 19.00 -5.67 11.68
N LEU A 400 18.48 -5.95 12.87
CA LEU A 400 19.23 -5.83 14.11
C LEU A 400 20.41 -6.80 14.09
N ASN A 401 20.13 -8.04 13.68
CA ASN A 401 21.13 -9.10 13.80
C ASN A 401 22.26 -8.89 12.80
N ASN A 402 21.95 -8.27 11.66
CA ASN A 402 22.86 -8.44 10.52
C ASN A 402 23.17 -7.04 10.08
N SER A 403 23.86 -6.42 11.01
CA SER A 403 24.28 -4.98 11.10
C SER A 403 24.81 -4.25 9.83
ZN ZN B . -1.09 -0.03 -3.43
C1 CIT C . -10.10 -18.64 -29.05
O1 CIT C . -10.23 -17.97 -30.12
O2 CIT C . -11.05 -18.80 -28.24
C2 CIT C . -8.74 -19.17 -28.62
C3 CIT C . -8.06 -18.12 -27.65
O7 CIT C . -8.75 -18.08 -26.41
C4 CIT C . -7.99 -16.62 -28.20
C5 CIT C . -7.94 -15.63 -26.99
O3 CIT C . -6.81 -15.38 -26.47
O4 CIT C . -9.01 -15.11 -26.54
C6 CIT C . -6.64 -18.63 -27.36
O5 CIT C . -6.44 -19.02 -26.19
O6 CIT C . -5.75 -18.59 -28.29
N VAL D . 0.96 -3.16 -6.00
CA VAL D . 2.07 -2.36 -6.56
C VAL D . 1.47 -1.39 -7.61
O VAL D . 0.58 -1.91 -8.33
CB VAL D . 3.22 -3.26 -7.20
CG1 VAL D . 3.84 -2.68 -8.48
CG2 VAL D . 4.46 -3.24 -6.30
OXT VAL D . 1.62 -0.14 -7.58
#